data_1LZW
#
_entry.id   1LZW
#
_cell.length_a   90.880
_cell.length_b   114.590
_cell.length_c   38.490
_cell.angle_alpha   90.00
_cell.angle_beta   90.00
_cell.angle_gamma   90.00
#
_symmetry.space_group_name_H-M   'P 21 21 2'
#
loop_
_entity.id
_entity.type
_entity.pdbx_description
1 polymer 'Protein yljA'
2 polymer 'ATP-dependent clp protease ATP-binding subunit ClpA'
3 non-polymer 'PLATINUM (II) ION'
4 water water
#
loop_
_entity_poly.entity_id
_entity_poly.type
_entity_poly.pdbx_seq_one_letter_code
_entity_poly.pdbx_strand_id
1 'polypeptide(L)'
;MGKTNDWLDFDQLAEEKVRDALKPPSMYKVILVNDDYTPMEFVIDVLQKFFSYDVERATQLMLAVAYQGKAICGVFTAEV
AETKVAMVNKYARENEHPLLCTLEKA
;
A
2 'polypeptide(L)'
;MLNQELELSLNMAFARAREHRHEFMTVEHLLLALLSNPSAREALEACSVDLVALRQELEAFIEQTTPVLPASEEERDTQP
TLSFQRVLQRAVFHVQSSGRNEVTGANVLVAIFSEQESQAAYLLRKHEVSRLDVVNFISHGTRKDE
;
B
#
# COMPACT_ATOMS: atom_id res chain seq x y z
N GLU A 16 -34.35 5.87 -0.21
CA GLU A 16 -33.29 4.87 -0.51
C GLU A 16 -32.03 5.15 0.32
N LYS A 17 -31.09 4.19 0.31
CA LYS A 17 -29.83 4.32 1.06
C LYS A 17 -28.59 3.88 0.27
N VAL A 18 -27.47 3.67 0.97
CA VAL A 18 -26.24 3.24 0.29
C VAL A 18 -25.07 2.75 1.17
N ARG A 19 -25.32 1.69 1.95
CA ARG A 19 -24.31 1.07 2.83
C ARG A 19 -23.55 2.01 3.78
N ASP A 20 -22.55 1.45 4.45
CA ASP A 20 -21.72 2.19 5.42
C ASP A 20 -21.03 3.43 4.89
N ALA A 21 -20.41 4.19 5.80
CA ALA A 21 -19.73 5.45 5.46
C ALA A 21 -18.52 5.30 4.57
N LEU A 22 -17.87 6.43 4.29
CA LEU A 22 -16.67 6.45 3.45
C LEU A 22 -15.45 6.97 4.21
N LYS A 23 -15.26 8.28 4.19
CA LYS A 23 -14.12 8.93 4.85
C LYS A 23 -12.80 8.43 4.24
N PRO A 24 -11.98 9.34 3.71
CA PRO A 24 -10.70 8.94 3.12
C PRO A 24 -9.79 8.40 4.22
N PRO A 25 -8.85 7.51 3.86
CA PRO A 25 -7.94 6.98 4.88
C PRO A 25 -7.17 8.13 5.54
N SER A 26 -6.89 8.00 6.81
CA SER A 26 -6.16 9.03 7.52
C SER A 26 -4.64 8.89 7.33
N MET A 27 -3.91 9.99 7.43
CA MET A 27 -2.45 9.97 7.33
C MET A 27 -1.97 9.52 8.72
N TYR A 28 -0.77 8.95 8.79
CA TYR A 28 -0.23 8.50 10.07
C TYR A 28 1.17 9.01 10.37
N LYS A 29 1.47 9.12 11.66
CA LYS A 29 2.78 9.53 12.11
C LYS A 29 3.55 8.25 12.42
N VAL A 30 4.83 8.24 12.10
CA VAL A 30 5.70 7.12 12.37
C VAL A 30 6.58 7.62 13.51
N ILE A 31 6.66 6.84 14.59
CA ILE A 31 7.40 7.27 15.75
C ILE A 31 8.47 6.29 16.24
N LEU A 32 9.58 6.85 16.72
CA LEU A 32 10.67 6.06 17.28
C LEU A 32 10.64 6.30 18.78
N VAL A 33 10.44 5.23 19.54
CA VAL A 33 10.39 5.31 20.99
C VAL A 33 11.80 5.18 21.56
N ASN A 34 12.02 5.75 22.73
CA ASN A 34 13.32 5.68 23.37
C ASN A 34 13.43 4.46 24.28
N ASP A 35 14.66 4.06 24.57
CA ASP A 35 14.95 2.94 25.44
C ASP A 35 16.40 3.10 25.91
N ASP A 36 16.81 2.30 26.88
CA ASP A 36 18.16 2.38 27.40
C ASP A 36 19.16 1.39 26.81
N TYR A 37 18.68 0.39 26.08
CA TYR A 37 19.59 -0.60 25.51
C TYR A 37 20.04 -0.37 24.08
N THR A 38 19.24 0.35 23.29
CA THR A 38 19.61 0.60 21.91
C THR A 38 20.69 1.68 21.89
N PRO A 39 21.83 1.40 21.24
CA PRO A 39 22.87 2.43 21.19
C PRO A 39 22.49 3.59 20.27
N MET A 40 22.86 4.80 20.69
CA MET A 40 22.55 6.02 19.92
C MET A 40 22.90 5.92 18.44
N GLU A 41 24.06 5.37 18.13
CA GLU A 41 24.49 5.25 16.74
C GLU A 41 23.50 4.47 15.86
N PHE A 42 22.94 3.40 16.41
CA PHE A 42 21.98 2.60 15.65
C PHE A 42 20.72 3.39 15.29
N VAL A 43 20.22 4.23 16.19
CA VAL A 43 19.02 4.99 15.87
C VAL A 43 19.33 5.99 14.75
N ILE A 44 20.50 6.62 14.80
CA ILE A 44 20.90 7.56 13.76
C ILE A 44 20.91 6.80 12.44
N ASP A 45 21.37 5.55 12.49
CA ASP A 45 21.45 4.67 11.34
C ASP A 45 20.03 4.42 10.77
N VAL A 46 19.11 4.06 11.67
CA VAL A 46 17.75 3.79 11.24
C VAL A 46 17.10 5.02 10.59
N LEU A 47 17.32 6.19 11.18
CA LEU A 47 16.76 7.44 10.64
C LEU A 47 17.27 7.72 9.23
N GLN A 48 18.50 7.33 8.98
CA GLN A 48 19.10 7.56 7.67
C GLN A 48 18.66 6.53 6.65
N LYS A 49 18.67 5.27 7.06
CA LYS A 49 18.29 4.17 6.18
C LYS A 49 16.81 4.09 5.83
N PHE A 50 15.93 4.36 6.80
CA PHE A 50 14.50 4.26 6.54
C PHE A 50 13.75 5.57 6.41
N PHE A 51 14.46 6.70 6.48
CA PHE A 51 13.78 7.97 6.33
C PHE A 51 14.54 8.96 5.47
N SER A 52 15.63 8.49 4.85
CA SER A 52 16.46 9.31 3.98
C SER A 52 16.77 10.65 4.62
N TYR A 53 17.15 10.61 5.89
CA TYR A 53 17.47 11.82 6.63
C TYR A 53 18.92 12.22 6.54
N ASP A 54 19.14 13.53 6.47
CA ASP A 54 20.47 14.10 6.41
C ASP A 54 21.23 13.67 7.66
N VAL A 55 22.52 13.42 7.52
CA VAL A 55 23.34 13.01 8.66
C VAL A 55 23.11 13.96 9.82
N GLU A 56 23.28 15.25 9.56
CA GLU A 56 23.11 16.27 10.58
C GLU A 56 21.64 16.68 10.75
N ARG A 57 20.76 15.72 10.55
CA ARG A 57 19.32 15.93 10.69
C ARG A 57 18.79 14.72 11.45
N ALA A 58 19.36 13.57 11.13
CA ALA A 58 19.01 12.31 11.77
C ALA A 58 19.61 12.38 13.17
N THR A 59 20.85 12.85 13.22
CA THR A 59 21.57 12.98 14.47
C THR A 59 20.83 13.92 15.42
N GLN A 60 20.24 14.99 14.89
CA GLN A 60 19.50 15.93 15.73
C GLN A 60 18.17 15.33 16.15
N LEU A 61 17.67 14.41 15.33
CA LEU A 61 16.41 13.75 15.59
C LEU A 61 16.55 12.63 16.63
N MET A 62 17.75 12.06 16.73
CA MET A 62 17.98 11.00 17.71
C MET A 62 17.95 11.70 19.06
N LEU A 63 18.51 12.91 19.12
CA LEU A 63 18.54 13.68 20.35
C LEU A 63 17.10 13.96 20.77
N ALA A 64 16.24 14.19 19.77
CA ALA A 64 14.84 14.45 20.05
C ALA A 64 14.20 13.25 20.74
N VAL A 65 14.52 12.05 20.25
CA VAL A 65 13.97 10.82 20.83
C VAL A 65 14.48 10.60 22.25
N ALA A 66 15.78 10.79 22.46
CA ALA A 66 16.37 10.59 23.78
C ALA A 66 15.83 11.59 24.80
N TYR A 67 15.83 12.86 24.39
CA TYR A 67 15.37 13.94 25.26
C TYR A 67 13.90 13.82 25.64
N GLN A 68 13.05 13.68 24.63
CA GLN A 68 11.61 13.59 24.86
C GLN A 68 11.05 12.21 25.09
N GLY A 69 11.84 11.19 24.78
CA GLY A 69 11.40 9.82 25.00
C GLY A 69 10.64 9.25 23.82
N LYS A 70 10.40 10.09 22.82
CA LYS A 70 9.67 9.70 21.61
C LYS A 70 9.75 10.85 20.62
N ALA A 71 9.82 10.53 19.33
CA ALA A 71 9.89 11.56 18.30
C ALA A 71 9.25 11.14 16.99
N ILE A 72 8.53 12.07 16.37
CA ILE A 72 7.87 11.82 15.10
C ILE A 72 8.95 11.85 14.01
N CYS A 73 9.04 10.77 13.25
CA CYS A 73 10.04 10.67 12.18
C CYS A 73 9.48 10.94 10.81
N GLY A 74 8.16 11.06 10.73
CA GLY A 74 7.55 11.33 9.45
C GLY A 74 6.04 11.16 9.48
N VAL A 75 5.44 11.48 8.34
CA VAL A 75 4.01 11.36 8.17
C VAL A 75 3.76 10.73 6.79
N PHE A 76 3.07 9.59 6.78
CA PHE A 76 2.79 8.91 5.53
C PHE A 76 1.36 8.44 5.50
N THR A 77 0.96 7.81 4.40
CA THR A 77 -0.39 7.30 4.29
C THR A 77 -0.44 6.09 5.24
N ALA A 78 -1.64 5.70 5.65
CA ALA A 78 -1.77 4.56 6.55
C ALA A 78 -1.07 3.34 5.95
N GLU A 79 -1.20 3.16 4.64
CA GLU A 79 -0.59 2.02 3.96
C GLU A 79 0.93 2.02 4.00
N VAL A 80 1.54 3.15 3.66
CA VAL A 80 3.00 3.28 3.68
C VAL A 80 3.55 3.26 5.11
N ALA A 81 2.89 3.97 6.02
CA ALA A 81 3.33 4.03 7.41
C ALA A 81 3.41 2.61 8.00
N GLU A 82 2.38 1.81 7.76
CA GLU A 82 2.35 0.45 8.27
C GLU A 82 3.55 -0.38 7.78
N THR A 83 3.89 -0.21 6.51
CA THR A 83 5.01 -0.96 5.93
C THR A 83 6.32 -0.47 6.52
N LYS A 84 6.46 0.83 6.64
CA LYS A 84 7.66 1.41 7.20
C LYS A 84 7.89 0.94 8.64
N VAL A 85 6.85 1.01 9.48
CA VAL A 85 6.96 0.57 10.87
C VAL A 85 7.47 -0.87 10.94
N ALA A 86 6.93 -1.72 10.07
CA ALA A 86 7.33 -3.12 10.02
C ALA A 86 8.76 -3.29 9.54
N MET A 87 9.20 -2.49 8.57
CA MET A 87 10.57 -2.58 8.07
C MET A 87 11.54 -2.18 9.19
N VAL A 88 11.23 -1.09 9.87
CA VAL A 88 12.08 -0.60 10.95
C VAL A 88 12.19 -1.58 12.11
N ASN A 89 11.06 -2.10 12.58
CA ASN A 89 11.07 -3.04 13.68
C ASN A 89 11.76 -4.35 13.32
N LYS A 90 11.59 -4.82 12.09
CA LYS A 90 12.23 -6.06 11.67
C LYS A 90 13.73 -5.86 11.69
N TYR A 91 14.17 -4.70 11.22
CA TYR A 91 15.58 -4.36 11.17
C TYR A 91 16.17 -4.30 12.58
N ALA A 92 15.49 -3.60 13.48
CA ALA A 92 15.94 -3.48 14.87
C ALA A 92 16.11 -4.86 15.46
N ARG A 93 15.12 -5.71 15.23
CA ARG A 93 15.10 -7.07 15.73
C ARG A 93 16.29 -7.88 15.22
N GLU A 94 16.57 -7.77 13.93
CA GLU A 94 17.67 -8.51 13.35
C GLU A 94 19.01 -8.04 13.90
N ASN A 95 19.07 -6.79 14.32
CA ASN A 95 20.30 -6.26 14.87
C ASN A 95 20.32 -6.43 16.38
N GLU A 96 19.23 -7.01 16.90
CA GLU A 96 19.09 -7.29 18.32
C GLU A 96 19.06 -6.07 19.24
N HIS A 97 18.25 -5.08 18.86
CA HIS A 97 18.09 -3.88 19.65
C HIS A 97 16.61 -3.67 19.86
N PRO A 98 16.20 -3.34 21.09
CA PRO A 98 14.78 -3.13 21.37
C PRO A 98 14.23 -1.82 20.80
N LEU A 99 14.81 -1.34 19.71
CA LEU A 99 14.33 -0.10 19.09
C LEU A 99 12.88 -0.30 18.66
N LEU A 100 11.97 0.48 19.23
CA LEU A 100 10.55 0.36 18.89
C LEU A 100 10.06 1.48 17.98
N CYS A 101 9.40 1.10 16.89
CA CYS A 101 8.83 2.07 15.96
C CYS A 101 7.31 1.91 16.05
N THR A 102 6.58 3.01 16.11
CA THR A 102 5.12 2.93 16.21
C THR A 102 4.34 3.82 15.24
N LEU A 103 3.04 3.52 15.14
CA LEU A 103 2.10 4.23 14.28
C LEU A 103 1.23 5.20 15.06
N GLU A 104 0.97 6.36 14.47
CA GLU A 104 0.17 7.39 15.12
C GLU A 104 -0.82 8.04 14.15
N LYS A 105 -2.11 7.91 14.42
CA LYS A 105 -3.12 8.52 13.55
C LYS A 105 -3.02 10.05 13.58
N ALA A 106 -3.76 10.71 12.70
CA ALA A 106 -3.74 12.18 12.61
C ALA A 106 -2.33 12.63 12.26
N MET B 1 -0.75 -16.89 -7.67
CA MET B 1 -0.86 -15.47 -7.99
C MET B 1 -0.57 -15.22 -9.47
N LEU B 2 -0.52 -16.30 -10.24
CA LEU B 2 -0.23 -16.22 -11.67
C LEU B 2 -1.45 -16.47 -12.55
N ASN B 3 -1.46 -15.82 -13.71
CA ASN B 3 -2.57 -15.91 -14.67
C ASN B 3 -2.13 -15.37 -16.03
N GLN B 4 -0.85 -15.00 -16.15
CA GLN B 4 -0.31 -14.45 -17.40
C GLN B 4 -0.89 -13.04 -17.57
N GLU B 5 -2.21 -12.97 -17.63
CA GLU B 5 -2.93 -11.71 -17.78
C GLU B 5 -2.70 -10.87 -16.51
N LEU B 6 -2.78 -11.51 -15.35
CA LEU B 6 -2.60 -10.87 -14.07
C LEU B 6 -1.11 -10.55 -13.84
N GLU B 7 -0.26 -11.50 -14.23
CA GLU B 7 1.19 -11.33 -14.08
C GLU B 7 1.67 -10.13 -14.89
N LEU B 8 1.07 -9.93 -16.06
CA LEU B 8 1.43 -8.81 -16.88
C LEU B 8 1.11 -7.52 -16.12
N SER B 9 -0.10 -7.46 -15.58
CA SER B 9 -0.52 -6.30 -14.81
C SER B 9 0.46 -6.04 -13.66
N LEU B 10 0.86 -7.09 -12.95
CA LEU B 10 1.79 -6.93 -11.84
C LEU B 10 3.14 -6.40 -12.35
N ASN B 11 3.56 -6.88 -13.53
CA ASN B 11 4.82 -6.42 -14.12
C ASN B 11 4.76 -4.94 -14.45
N MET B 12 3.65 -4.51 -15.05
CA MET B 12 3.45 -3.12 -15.40
C MET B 12 3.39 -2.24 -14.15
N ALA B 13 2.74 -2.74 -13.10
CA ALA B 13 2.62 -2.00 -11.86
C ALA B 13 3.99 -1.74 -11.23
N PHE B 14 4.87 -2.75 -11.26
CA PHE B 14 6.20 -2.59 -10.72
C PHE B 14 7.09 -1.73 -11.61
N ALA B 15 6.94 -1.88 -12.92
CA ALA B 15 7.74 -1.11 -13.85
C ALA B 15 7.41 0.37 -13.71
N ARG B 16 6.15 0.65 -13.41
CA ARG B 16 5.72 2.03 -13.21
C ARG B 16 6.28 2.59 -11.92
N ALA B 17 6.26 1.78 -10.87
CA ALA B 17 6.79 2.19 -9.58
C ALA B 17 8.27 2.52 -9.71
N ARG B 18 9.01 1.63 -10.37
CA ARG B 18 10.45 1.78 -10.57
C ARG B 18 10.82 2.94 -11.50
N GLU B 19 9.91 3.29 -12.40
CA GLU B 19 10.14 4.39 -13.34
C GLU B 19 10.21 5.72 -12.60
N HIS B 20 9.27 5.94 -11.68
CA HIS B 20 9.22 7.18 -10.90
C HIS B 20 10.04 7.00 -9.63
N ARG B 21 10.81 5.91 -9.60
CA ARG B 21 11.66 5.60 -8.47
C ARG B 21 10.88 5.58 -7.16
N HIS B 22 9.66 5.05 -7.20
CA HIS B 22 8.83 4.97 -6.01
C HIS B 22 9.45 3.99 -5.03
N GLU B 23 9.41 4.35 -3.75
CA GLU B 23 9.96 3.49 -2.72
C GLU B 23 9.05 2.29 -2.46
N PHE B 24 7.76 2.47 -2.67
CA PHE B 24 6.82 1.38 -2.42
C PHE B 24 5.87 1.02 -3.56
N MET B 25 5.56 -0.27 -3.63
CA MET B 25 4.61 -0.82 -4.58
C MET B 25 3.32 -0.91 -3.78
N THR B 26 2.40 -0.01 -4.13
CA THR B 26 1.13 0.17 -3.45
C THR B 26 -0.10 -0.57 -4.02
N VAL B 27 -1.14 -0.66 -3.19
CA VAL B 27 -2.39 -1.27 -3.61
C VAL B 27 -3.00 -0.34 -4.68
N GLU B 28 -2.59 0.92 -4.65
CA GLU B 28 -3.07 1.91 -5.61
C GLU B 28 -2.37 1.72 -6.96
N HIS B 29 -1.09 1.34 -6.94
CA HIS B 29 -0.39 1.08 -8.20
C HIS B 29 -1.09 -0.15 -8.80
N LEU B 30 -1.33 -1.13 -7.94
CA LEU B 30 -2.00 -2.37 -8.32
C LEU B 30 -3.34 -2.12 -9.02
N LEU B 31 -4.22 -1.35 -8.38
CA LEU B 31 -5.51 -1.05 -8.97
C LEU B 31 -5.32 -0.24 -10.25
N LEU B 32 -4.32 0.65 -10.24
CA LEU B 32 -4.05 1.48 -11.42
C LEU B 32 -3.76 0.51 -12.56
N ALA B 33 -2.82 -0.40 -12.32
CA ALA B 33 -2.44 -1.39 -13.31
C ALA B 33 -3.63 -2.25 -13.74
N LEU B 34 -4.44 -2.69 -12.78
CA LEU B 34 -5.61 -3.52 -13.09
C LEU B 34 -6.62 -2.84 -14.00
N LEU B 35 -6.56 -1.52 -14.12
CA LEU B 35 -7.51 -0.82 -14.98
C LEU B 35 -7.36 -1.22 -16.44
N SER B 36 -6.20 -1.77 -16.80
CA SER B 36 -5.97 -2.22 -18.18
C SER B 36 -5.87 -3.74 -18.23
N ASN B 37 -6.28 -4.39 -17.15
CA ASN B 37 -6.28 -5.85 -17.07
C ASN B 37 -7.69 -6.20 -17.56
N PRO B 38 -7.82 -6.87 -18.71
CA PRO B 38 -9.16 -7.21 -19.19
C PRO B 38 -10.12 -7.80 -18.16
N SER B 39 -9.65 -8.74 -17.35
CA SER B 39 -10.53 -9.33 -16.35
C SER B 39 -11.09 -8.25 -15.43
N ALA B 40 -10.20 -7.43 -14.88
CA ALA B 40 -10.57 -6.36 -13.97
C ALA B 40 -11.34 -5.24 -14.67
N ARG B 41 -10.81 -4.74 -15.78
CA ARG B 41 -11.45 -3.68 -16.54
C ARG B 41 -12.91 -4.03 -16.79
N GLU B 42 -13.14 -5.27 -17.22
CA GLU B 42 -14.48 -5.76 -17.50
C GLU B 42 -15.45 -5.63 -16.31
N ALA B 43 -15.06 -6.13 -15.14
CA ALA B 43 -15.91 -6.03 -13.96
C ALA B 43 -16.19 -4.56 -13.61
N LEU B 44 -15.22 -3.69 -13.81
CA LEU B 44 -15.40 -2.28 -13.52
C LEU B 44 -16.32 -1.58 -14.53
N GLU B 45 -16.32 -2.03 -15.78
CA GLU B 45 -17.17 -1.42 -16.78
C GLU B 45 -18.61 -1.87 -16.54
N ALA B 46 -18.77 -3.09 -16.05
CA ALA B 46 -20.09 -3.64 -15.75
C ALA B 46 -20.66 -2.92 -14.52
N CYS B 47 -19.78 -2.28 -13.76
CA CYS B 47 -20.19 -1.55 -12.57
C CYS B 47 -20.29 -0.05 -12.87
N SER B 48 -20.38 0.26 -14.16
CA SER B 48 -20.49 1.63 -14.66
C SER B 48 -19.51 2.60 -14.02
N VAL B 49 -18.28 2.15 -13.81
CA VAL B 49 -17.27 3.01 -13.21
C VAL B 49 -16.53 3.86 -14.24
N ASP B 50 -16.39 5.15 -13.96
CA ASP B 50 -15.67 6.05 -14.86
C ASP B 50 -14.18 5.73 -14.74
N LEU B 51 -13.66 4.95 -15.67
CA LEU B 51 -12.26 4.56 -15.64
C LEU B 51 -11.28 5.70 -15.85
N VAL B 52 -11.69 6.70 -16.62
CA VAL B 52 -10.86 7.85 -16.89
C VAL B 52 -10.67 8.64 -15.61
N ALA B 53 -11.76 8.81 -14.86
CA ALA B 53 -11.73 9.53 -13.59
C ALA B 53 -10.90 8.74 -12.57
N LEU B 54 -11.17 7.43 -12.47
CA LEU B 54 -10.43 6.57 -11.54
C LEU B 54 -8.94 6.63 -11.85
N ARG B 55 -8.59 6.45 -13.12
CA ARG B 55 -7.18 6.49 -13.50
C ARG B 55 -6.53 7.79 -13.05
N GLN B 56 -7.19 8.92 -13.32
CA GLN B 56 -6.64 10.21 -12.92
C GLN B 56 -6.48 10.27 -11.40
N GLU B 57 -7.53 9.87 -10.70
CA GLU B 57 -7.51 9.86 -9.24
C GLU B 57 -6.35 9.03 -8.68
N LEU B 58 -6.16 7.83 -9.22
CA LEU B 58 -5.10 6.96 -8.76
C LEU B 58 -3.69 7.52 -9.03
N GLU B 59 -3.47 8.02 -10.24
CA GLU B 59 -2.16 8.58 -10.59
C GLU B 59 -1.83 9.82 -9.74
N ALA B 60 -2.81 10.68 -9.53
CA ALA B 60 -2.60 11.89 -8.73
C ALA B 60 -2.16 11.48 -7.34
N PHE B 61 -2.91 10.55 -6.75
CA PHE B 61 -2.63 10.06 -5.41
C PHE B 61 -1.28 9.39 -5.23
N ILE B 62 -0.86 8.52 -6.15
CA ILE B 62 0.43 7.87 -5.93
C ILE B 62 1.62 8.82 -6.12
N GLU B 63 1.47 9.86 -6.94
CA GLU B 63 2.57 10.79 -7.13
C GLU B 63 2.71 11.70 -5.91
N GLN B 64 1.59 12.12 -5.35
CA GLN B 64 1.64 12.99 -4.19
C GLN B 64 1.97 12.30 -2.87
N THR B 65 1.69 11.01 -2.75
CA THR B 65 1.92 10.33 -1.48
C THR B 65 2.99 9.26 -1.44
N THR B 66 3.48 8.82 -2.58
CA THR B 66 4.49 7.76 -2.57
C THR B 66 5.89 8.30 -2.42
N PRO B 67 6.59 7.85 -1.37
CA PRO B 67 7.97 8.33 -1.16
C PRO B 67 8.90 7.95 -2.33
N VAL B 68 9.73 8.89 -2.73
CA VAL B 68 10.67 8.66 -3.83
C VAL B 68 12.05 8.30 -3.29
N LEU B 69 12.70 7.32 -3.91
CA LEU B 69 14.03 6.91 -3.46
C LEU B 69 15.05 8.03 -3.68
N PRO B 70 16.20 7.98 -2.99
CA PRO B 70 17.26 8.98 -3.10
C PRO B 70 17.98 9.10 -4.45
N ALA B 71 17.43 8.46 -5.50
CA ALA B 71 18.05 8.51 -6.83
C ALA B 71 19.38 7.76 -6.79
N SER B 72 20.01 7.77 -5.62
CA SER B 72 21.28 7.09 -5.40
C SER B 72 20.96 5.71 -4.83
N GLU B 73 20.94 5.63 -3.50
CA GLU B 73 20.65 4.37 -2.80
C GLU B 73 21.32 3.16 -3.46
N GLU B 74 20.91 1.96 -3.05
CA GLU B 74 21.47 0.74 -3.61
C GLU B 74 20.82 0.49 -4.97
N GLU B 75 19.61 -0.05 -4.92
CA GLU B 75 18.83 -0.35 -6.11
C GLU B 75 17.47 -0.74 -5.57
N ARG B 76 17.50 -1.44 -4.43
CA ARG B 76 16.33 -1.94 -3.70
C ARG B 76 15.01 -1.47 -4.29
N ASP B 77 14.85 -1.76 -5.56
CA ASP B 77 13.67 -1.32 -6.29
C ASP B 77 12.30 -1.70 -5.78
N THR B 78 11.60 -0.70 -5.28
CA THR B 78 10.23 -0.88 -4.81
C THR B 78 9.99 -2.05 -3.89
N GLN B 79 9.50 -1.71 -2.71
CA GLN B 79 9.15 -2.64 -1.66
C GLN B 79 7.61 -2.71 -1.66
N PRO B 80 7.04 -3.89 -1.93
CA PRO B 80 5.58 -4.01 -1.93
C PRO B 80 5.08 -3.68 -0.53
N THR B 81 3.96 -2.98 -0.41
CA THR B 81 3.44 -2.67 0.93
C THR B 81 2.83 -3.94 1.52
N LEU B 82 2.56 -3.94 2.82
CA LEU B 82 1.97 -5.11 3.45
C LEU B 82 0.57 -5.32 2.89
N SER B 83 -0.14 -4.22 2.64
CA SER B 83 -1.49 -4.23 2.08
C SER B 83 -1.49 -4.92 0.73
N PHE B 84 -0.49 -4.58 -0.07
CA PHE B 84 -0.33 -5.17 -1.40
C PHE B 84 -0.16 -6.68 -1.25
N GLN B 85 0.72 -7.10 -0.34
CA GLN B 85 0.95 -8.51 -0.12
C GLN B 85 -0.33 -9.20 0.31
N ARG B 86 -1.07 -8.55 1.20
CA ARG B 86 -2.33 -9.10 1.67
C ARG B 86 -3.40 -9.30 0.60
N VAL B 87 -3.63 -8.33 -0.28
CA VAL B 87 -4.69 -8.52 -1.29
C VAL B 87 -4.33 -9.69 -2.20
N LEU B 88 -3.04 -9.86 -2.49
CA LEU B 88 -2.62 -10.96 -3.33
C LEU B 88 -2.83 -12.30 -2.63
N GLN B 89 -2.41 -12.41 -1.37
CA GLN B 89 -2.57 -13.66 -0.63
C GLN B 89 -4.06 -13.99 -0.54
N ARG B 90 -4.88 -12.96 -0.37
CA ARG B 90 -6.31 -13.15 -0.25
C ARG B 90 -6.91 -13.68 -1.57
N ALA B 91 -6.50 -13.11 -2.70
CA ALA B 91 -7.01 -13.54 -3.98
C ALA B 91 -6.54 -14.97 -4.23
N VAL B 92 -5.28 -15.24 -3.92
CA VAL B 92 -4.71 -16.57 -4.10
C VAL B 92 -5.43 -17.59 -3.22
N PHE B 93 -5.69 -17.25 -1.97
CA PHE B 93 -6.38 -18.17 -1.08
C PHE B 93 -7.80 -18.43 -1.56
N HIS B 94 -8.47 -17.41 -2.08
CA HIS B 94 -9.84 -17.61 -2.56
C HIS B 94 -9.91 -18.59 -3.73
N VAL B 95 -9.01 -18.42 -4.70
CA VAL B 95 -8.94 -19.29 -5.86
C VAL B 95 -8.61 -20.73 -5.44
N GLN B 96 -7.55 -20.88 -4.66
CA GLN B 96 -7.13 -22.19 -4.19
C GLN B 96 -8.28 -22.91 -3.48
N SER B 97 -9.01 -22.20 -2.62
CA SER B 97 -10.08 -22.83 -1.87
C SER B 97 -11.35 -23.07 -2.69
N SER B 98 -11.41 -22.49 -3.88
CA SER B 98 -12.58 -22.67 -4.75
C SER B 98 -12.42 -23.90 -5.64
N GLY B 99 -11.22 -24.45 -5.68
CA GLY B 99 -10.96 -25.60 -6.51
C GLY B 99 -10.45 -25.23 -7.88
N ARG B 100 -10.30 -23.94 -8.12
CA ARG B 100 -9.80 -23.47 -9.40
C ARG B 100 -8.29 -23.33 -9.27
N ASN B 101 -7.62 -22.97 -10.36
CA ASN B 101 -6.18 -22.82 -10.30
C ASN B 101 -5.68 -21.60 -11.07
N GLU B 102 -6.56 -20.62 -11.23
CA GLU B 102 -6.22 -19.39 -11.94
C GLU B 102 -6.69 -18.17 -11.16
N VAL B 103 -5.79 -17.22 -10.95
CA VAL B 103 -6.16 -15.99 -10.25
C VAL B 103 -6.27 -14.87 -11.29
N THR B 104 -7.46 -14.32 -11.43
CA THR B 104 -7.69 -13.25 -12.40
C THR B 104 -7.63 -11.86 -11.77
N GLY B 105 -7.56 -10.85 -12.62
CA GLY B 105 -7.52 -9.47 -12.16
C GLY B 105 -8.76 -9.14 -11.34
N ALA B 106 -9.88 -9.77 -11.70
CA ALA B 106 -11.15 -9.57 -11.01
C ALA B 106 -11.11 -10.17 -9.60
N ASN B 107 -10.39 -11.27 -9.42
CA ASN B 107 -10.28 -11.88 -8.10
C ASN B 107 -9.50 -10.90 -7.22
N VAL B 108 -8.44 -10.34 -7.78
CA VAL B 108 -7.61 -9.39 -7.08
C VAL B 108 -8.42 -8.14 -6.76
N LEU B 109 -9.22 -7.69 -7.73
CA LEU B 109 -10.07 -6.53 -7.51
C LEU B 109 -10.94 -6.73 -6.26
N VAL B 110 -11.52 -7.92 -6.13
CA VAL B 110 -12.35 -8.24 -4.98
C VAL B 110 -11.58 -8.16 -3.65
N ALA B 111 -10.37 -8.72 -3.63
CA ALA B 111 -9.54 -8.71 -2.43
C ALA B 111 -9.17 -7.31 -1.94
N ILE B 112 -9.15 -6.35 -2.86
CA ILE B 112 -8.81 -4.98 -2.51
C ILE B 112 -9.79 -4.38 -1.50
N PHE B 113 -11.08 -4.73 -1.64
CA PHE B 113 -12.09 -4.20 -0.74
C PHE B 113 -11.85 -4.52 0.73
N SER B 114 -11.19 -5.64 1.01
CA SER B 114 -10.96 -5.95 2.41
C SER B 114 -9.79 -5.17 2.99
N GLU B 115 -9.13 -4.37 2.16
CA GLU B 115 -8.05 -3.53 2.67
C GLU B 115 -8.64 -2.19 3.03
N GLN B 116 -9.35 -2.14 4.15
CA GLN B 116 -9.93 -0.90 4.62
C GLN B 116 -8.67 -0.10 4.92
N GLU B 117 -8.74 1.22 4.80
CA GLU B 117 -7.59 2.08 5.04
C GLU B 117 -6.67 2.25 3.84
N SER B 118 -7.06 1.69 2.70
CA SER B 118 -6.27 1.87 1.49
C SER B 118 -7.05 2.91 0.67
N GLN B 119 -6.32 3.80 0.01
CA GLN B 119 -6.94 4.82 -0.80
C GLN B 119 -7.72 4.11 -1.91
N ALA B 120 -7.16 3.02 -2.42
CA ALA B 120 -7.79 2.24 -3.47
C ALA B 120 -9.21 1.82 -3.07
N ALA B 121 -9.36 1.21 -1.89
CA ALA B 121 -10.68 0.78 -1.45
C ALA B 121 -11.59 2.01 -1.34
N TYR B 122 -11.02 3.11 -0.87
CA TYR B 122 -11.78 4.35 -0.74
C TYR B 122 -12.27 4.87 -2.11
N LEU B 123 -11.37 4.91 -3.09
CA LEU B 123 -11.74 5.39 -4.42
C LEU B 123 -12.77 4.51 -5.11
N LEU B 124 -12.76 3.21 -4.84
CA LEU B 124 -13.75 2.32 -5.45
C LEU B 124 -15.12 2.62 -4.87
N ARG B 125 -15.18 2.80 -3.55
CA ARG B 125 -16.44 3.10 -2.90
C ARG B 125 -16.96 4.41 -3.42
N LYS B 126 -16.04 5.37 -3.58
CA LYS B 126 -16.40 6.69 -4.07
C LYS B 126 -17.07 6.58 -5.44
N HIS B 127 -16.63 5.60 -6.23
CA HIS B 127 -17.20 5.39 -7.55
C HIS B 127 -18.41 4.45 -7.50
N GLU B 128 -18.98 4.31 -6.30
CA GLU B 128 -20.15 3.48 -6.05
C GLU B 128 -20.02 1.99 -6.35
N VAL B 129 -18.80 1.46 -6.20
CA VAL B 129 -18.55 0.04 -6.42
C VAL B 129 -18.33 -0.62 -5.08
N SER B 130 -18.93 -1.79 -4.88
CA SER B 130 -18.77 -2.51 -3.64
C SER B 130 -18.26 -3.90 -3.95
N ARG B 131 -17.81 -4.61 -2.92
CA ARG B 131 -17.34 -5.98 -3.11
C ARG B 131 -18.46 -6.78 -3.76
N LEU B 132 -19.64 -6.70 -3.15
CA LEU B 132 -20.82 -7.41 -3.65
C LEU B 132 -21.07 -7.21 -5.15
N ASP B 133 -20.89 -5.99 -5.63
CA ASP B 133 -21.10 -5.73 -7.05
C ASP B 133 -20.15 -6.51 -7.92
N VAL B 134 -18.87 -6.52 -7.56
CA VAL B 134 -17.87 -7.24 -8.34
C VAL B 134 -18.13 -8.72 -8.22
N VAL B 135 -18.44 -9.17 -7.02
CA VAL B 135 -18.70 -10.59 -6.81
C VAL B 135 -19.91 -11.03 -7.64
N ASN B 136 -20.97 -10.22 -7.69
CA ASN B 136 -22.13 -10.58 -8.48
C ASN B 136 -21.82 -10.63 -9.98
N PHE B 137 -20.90 -9.79 -10.45
CA PHE B 137 -20.56 -9.81 -11.86
C PHE B 137 -19.70 -11.03 -12.16
N ILE B 138 -18.73 -11.28 -11.29
CA ILE B 138 -17.86 -12.42 -11.46
C ILE B 138 -18.69 -13.68 -11.57
N SER B 139 -19.60 -13.90 -10.61
CA SER B 139 -20.43 -15.09 -10.67
C SER B 139 -21.79 -14.86 -11.33
N HIS B 140 -22.50 -15.94 -11.60
CA HIS B 140 -23.83 -15.86 -12.24
C HIS B 140 -23.74 -15.37 -13.66
N GLY B 141 -23.82 -14.05 -13.78
CA GLY B 141 -23.75 -13.45 -15.09
C GLY B 141 -23.15 -12.09 -14.95
N THR B 142 -23.53 -11.25 -15.90
CA THR B 142 -23.07 -9.89 -15.96
C THR B 142 -23.97 -9.05 -15.07
N ARG B 143 -24.26 -9.52 -13.86
CA ARG B 143 -25.11 -8.73 -12.98
C ARG B 143 -24.47 -7.36 -12.96
N LYS B 144 -24.99 -6.45 -13.79
CA LYS B 144 -24.46 -5.09 -13.90
C LYS B 144 -25.33 -4.06 -13.20
N ASP B 145 -24.69 -2.98 -12.77
CA ASP B 145 -25.41 -1.90 -12.11
C ASP B 145 -26.30 -1.23 -13.16
N GLU B 146 -25.69 -0.90 -14.29
CA GLU B 146 -26.34 -0.24 -15.42
C GLU B 146 -27.87 -0.36 -15.39
#